data_6K7S
#
_entry.id   6K7S
#
_cell.length_a   119.653
_cell.length_b   83.674
_cell.length_c   55.157
_cell.angle_alpha   90.00
_cell.angle_beta   92.26
_cell.angle_gamma   90.00
#
_symmetry.space_group_name_H-M   'C 1 2 1'
#
loop_
_entity.id
_entity.type
_entity.pdbx_description
1 polymer 'Thymidylate synthase'
2 non-polymer "2'-DEOXYURIDINE 5'-MONOPHOSPHATE"
3 non-polymer TOMUDEX
4 water water
#
_entity_poly.entity_id   1
_entity_poly.type   'polypeptide(L)'
_entity_poly.pdbx_seq_one_letter_code
;SNAMRHDEYQYLDLIRQIMRTGNRKGDRTGTGTISMFGAQMRYSLRDGIFPLLTTKRVFWRGVAEELLWFVRGSTNAKEL
QEKDIHIWDGNSSKEFLNKMGFHDREEGDLGPVYGFQWRHFGAPYADMHTDYTGQGVDQLQQVIDTIKNNPDDRRIIMCA
WNPVDVPKMALPPCHCLCQFYVANGELSCQLYQRSADMGLGVPFNIASYALLTYMIAHVTDLKPGDFVHTLGDAHVYSNH
CEALEEQLKREPRPFPSLKIKRKVENISDFKFEDFELDGYKPHPKIKMEMAV
;
_entity_poly.pdbx_strand_id   A,B
#
loop_
_chem_comp.id
_chem_comp.type
_chem_comp.name
_chem_comp.formula
D16 non-polymer TOMUDEX 'C21 H22 N4 O6 S'
UMP non-polymer '2'-DEOXYURIDINE 5'-MONOPHOSPHATE' 'C9 H13 N2 O8 P'
#
# COMPACT_ATOMS: atom_id res chain seq x y z
N MET A 4 9.63 -24.96 -5.78
CA MET A 4 8.56 -25.88 -5.33
C MET A 4 8.34 -25.86 -3.82
N ARG A 5 8.98 -24.95 -3.10
CA ARG A 5 8.82 -24.88 -1.65
CA ARG A 5 8.80 -24.92 -1.66
C ARG A 5 7.39 -24.44 -1.32
N HIS A 6 6.77 -25.12 -0.37
CA HIS A 6 5.40 -24.79 0.04
C HIS A 6 5.29 -23.30 0.37
N ASP A 7 4.26 -22.64 -0.17
CA ASP A 7 4.08 -21.22 0.04
C ASP A 7 3.92 -20.85 1.52
N GLU A 8 3.41 -21.76 2.37
CA GLU A 8 3.22 -21.44 3.77
C GLU A 8 4.55 -21.23 4.50
N TYR A 9 5.65 -21.71 3.94
CA TYR A 9 6.92 -21.43 4.59
C TYR A 9 7.27 -19.94 4.57
N GLN A 10 6.67 -19.16 3.68
CA GLN A 10 6.90 -17.71 3.74
C GLN A 10 6.41 -17.14 5.05
N TYR A 11 5.22 -17.58 5.47
CA TYR A 11 4.64 -17.19 6.75
C TYR A 11 5.46 -17.73 7.90
N LEU A 12 5.79 -19.02 7.88
CA LEU A 12 6.59 -19.57 8.96
C LEU A 12 7.95 -18.88 9.04
N ASP A 13 8.59 -18.64 7.90
CA ASP A 13 9.91 -18.01 7.93
C ASP A 13 9.84 -16.62 8.55
N LEU A 14 8.76 -15.88 8.26
CA LEU A 14 8.64 -14.54 8.82
C LEU A 14 8.42 -14.58 10.32
N ILE A 15 7.59 -15.50 10.81
CA ILE A 15 7.45 -15.64 12.26
C ILE A 15 8.80 -15.96 12.88
N ARG A 16 9.56 -16.88 12.26
CA ARG A 16 10.86 -17.23 12.82
C ARG A 16 11.78 -16.03 12.84
N GLN A 17 11.80 -15.27 11.76
CA GLN A 17 12.65 -14.08 11.67
C GLN A 17 12.24 -13.04 12.71
N ILE A 18 10.93 -12.84 12.90
CA ILE A 18 10.48 -11.84 13.87
C ILE A 18 10.94 -12.22 15.27
N MET A 19 10.73 -13.49 15.65
CA MET A 19 11.10 -13.88 17.02
C MET A 19 12.60 -13.86 17.22
N ARG A 20 13.40 -14.21 16.20
CA ARG A 20 14.85 -14.28 16.35
C ARG A 20 15.55 -12.93 16.19
N THR A 21 14.95 -11.95 15.47
CA THR A 21 15.67 -10.71 15.13
C THR A 21 14.85 -9.45 15.35
N GLY A 22 13.57 -9.58 15.69
CA GLY A 22 12.68 -8.45 15.76
C GLY A 22 12.92 -7.50 16.92
N ASN A 23 12.25 -6.35 16.81
CA ASN A 23 12.29 -5.30 17.82
C ASN A 23 11.25 -5.52 18.91
N ARG A 24 11.69 -5.54 20.17
CA ARG A 24 10.79 -5.64 21.29
C ARG A 24 10.31 -4.25 21.65
N LYS A 25 9.00 -4.08 21.70
CA LYS A 25 8.43 -2.77 21.97
C LYS A 25 7.17 -2.91 22.81
N GLY A 26 6.68 -1.77 23.29
CA GLY A 26 5.34 -1.70 23.83
C GLY A 26 4.36 -1.41 22.73
N ASP A 27 3.08 -1.44 23.06
CA ASP A 27 2.09 -1.24 22.00
C ASP A 27 0.78 -0.78 22.63
N ARG A 28 -0.16 -0.42 21.74
CA ARG A 28 -1.43 0.12 22.18
C ARG A 28 -2.08 -0.77 23.25
N THR A 29 -2.00 -2.09 23.07
CA THR A 29 -2.71 -3.03 23.93
C THR A 29 -2.05 -3.18 25.30
N GLY A 30 -0.79 -2.81 25.44
CA GLY A 30 -0.07 -3.00 26.68
C GLY A 30 0.59 -4.36 26.84
N THR A 31 0.39 -5.26 25.87
CA THR A 31 0.94 -6.62 25.95
C THR A 31 2.43 -6.66 25.60
N GLY A 32 2.88 -5.75 24.74
CA GLY A 32 4.23 -5.83 24.25
C GLY A 32 4.27 -6.75 23.04
N THR A 33 5.08 -6.37 22.07
CA THR A 33 5.23 -7.13 20.84
C THR A 33 6.70 -7.20 20.44
N ILE A 34 6.96 -8.11 19.51
CA ILE A 34 8.23 -8.22 18.81
C ILE A 34 7.89 -8.04 17.34
N SER A 35 8.57 -7.11 16.66
CA SER A 35 8.06 -6.67 15.35
C SER A 35 9.19 -6.42 14.36
N MET A 36 8.82 -6.52 13.08
CA MET A 36 9.63 -6.07 11.96
C MET A 36 8.78 -5.13 11.13
N PHE A 37 9.43 -4.31 10.31
CA PHE A 37 8.71 -3.38 9.45
C PHE A 37 9.00 -3.67 7.99
N GLY A 38 7.94 -3.99 7.26
CA GLY A 38 8.05 -4.24 5.83
C GLY A 38 8.32 -5.68 5.48
N ALA A 39 7.32 -6.37 4.91
CA ALA A 39 7.47 -7.74 4.46
C ALA A 39 6.51 -7.95 3.29
N GLN A 40 6.74 -9.03 2.55
CA GLN A 40 5.94 -9.33 1.38
C GLN A 40 5.96 -10.82 1.14
N MET A 41 4.77 -11.40 0.97
CA MET A 41 4.63 -12.80 0.62
CA MET A 41 4.59 -12.81 0.65
C MET A 41 3.79 -12.92 -0.63
N ARG A 42 3.95 -14.04 -1.34
CA ARG A 42 3.17 -14.32 -2.55
C ARG A 42 2.61 -15.72 -2.46
N TYR A 43 1.30 -15.84 -2.64
CA TYR A 43 0.60 -17.12 -2.57
C TYR A 43 -0.03 -17.42 -3.93
N SER A 44 0.31 -18.56 -4.51
CA SER A 44 -0.35 -18.95 -5.75
C SER A 44 -1.79 -19.29 -5.45
N LEU A 45 -2.68 -18.82 -6.34
CA LEU A 45 -4.10 -19.15 -6.30
C LEU A 45 -4.51 -20.04 -7.46
N ARG A 46 -3.55 -20.57 -8.22
CA ARG A 46 -3.83 -21.19 -9.52
C ARG A 46 -4.38 -22.60 -9.37
N ASP A 47 -5.15 -23.04 -10.38
CA ASP A 47 -5.54 -24.43 -10.51
C ASP A 47 -6.31 -24.89 -9.27
N GLY A 48 -7.11 -23.99 -8.72
CA GLY A 48 -7.95 -24.31 -7.59
C GLY A 48 -7.26 -24.28 -6.23
N ILE A 49 -5.98 -23.97 -6.18
CA ILE A 49 -5.24 -23.92 -4.92
C ILE A 49 -5.75 -22.77 -4.09
N PHE A 50 -6.07 -23.06 -2.82
CA PHE A 50 -6.57 -22.04 -1.91
C PHE A 50 -5.68 -21.98 -0.69
N PRO A 51 -5.00 -20.86 -0.42
CA PRO A 51 -3.96 -20.80 0.63
C PRO A 51 -4.52 -20.57 2.02
N LEU A 52 -5.26 -21.58 2.51
CA LEU A 52 -5.75 -21.62 3.88
C LEU A 52 -4.70 -22.33 4.70
N LEU A 53 -4.08 -21.61 5.63
CA LEU A 53 -2.87 -22.15 6.24
C LEU A 53 -3.17 -23.43 7.02
N THR A 54 -2.17 -24.31 7.04
CA THR A 54 -2.33 -25.65 7.58
C THR A 54 -1.56 -25.94 8.85
N THR A 55 -0.56 -25.13 9.23
CA THR A 55 0.15 -25.48 10.44
C THR A 55 -0.63 -25.12 11.70
N LYS A 56 -1.79 -24.49 11.54
CA LYS A 56 -2.77 -24.27 12.61
C LYS A 56 -4.10 -24.02 11.92
N ARG A 57 -5.17 -24.63 12.44
CA ARG A 57 -6.46 -24.48 11.78
C ARG A 57 -6.88 -23.02 11.73
N VAL A 58 -7.31 -22.59 10.56
CA VAL A 58 -7.80 -21.23 10.34
C VAL A 58 -9.32 -21.26 10.25
N PHE A 59 -9.93 -20.12 10.56
CA PHE A 59 -11.38 -19.98 10.74
C PHE A 59 -12.07 -19.70 9.39
N TRP A 60 -12.12 -20.74 8.58
CA TRP A 60 -12.63 -20.62 7.21
C TRP A 60 -14.05 -20.06 7.17
N ARG A 61 -14.93 -20.55 8.03
CA ARG A 61 -16.31 -20.10 7.96
C ARG A 61 -16.40 -18.62 8.31
N GLY A 62 -15.60 -18.20 9.29
CA GLY A 62 -15.54 -16.78 9.60
C GLY A 62 -15.02 -15.95 8.44
N VAL A 63 -13.99 -16.44 7.73
CA VAL A 63 -13.44 -15.74 6.58
C VAL A 63 -14.53 -15.50 5.55
N ALA A 64 -15.25 -16.56 5.21
CA ALA A 64 -16.22 -16.48 4.11
C ALA A 64 -17.43 -15.65 4.51
N GLU A 65 -17.99 -15.86 5.71
CA GLU A 65 -19.15 -15.07 6.14
C GLU A 65 -18.78 -13.60 6.30
N GLU A 66 -17.58 -13.29 6.82
CA GLU A 66 -17.22 -11.88 6.99
C GLU A 66 -17.13 -11.21 5.63
N LEU A 67 -16.57 -11.92 4.64
CA LEU A 67 -16.39 -11.33 3.33
C LEU A 67 -17.72 -11.11 2.61
N LEU A 68 -18.65 -12.06 2.72
CA LEU A 68 -20.00 -11.87 2.16
C LEU A 68 -20.68 -10.67 2.82
N TRP A 69 -20.42 -10.48 4.11
CA TRP A 69 -20.96 -9.35 4.84
C TRP A 69 -20.38 -8.03 4.34
N PHE A 70 -19.05 -7.99 4.13
CA PHE A 70 -18.40 -6.84 3.48
C PHE A 70 -19.08 -6.54 2.15
N VAL A 71 -19.27 -7.59 1.34
CA VAL A 71 -19.77 -7.38 -0.01
C VAL A 71 -21.17 -6.81 0.01
N ARG A 72 -21.98 -7.17 1.01
CA ARG A 72 -23.32 -6.58 1.20
C ARG A 72 -23.26 -5.13 1.63
N GLY A 73 -22.08 -4.65 2.03
CA GLY A 73 -21.95 -3.30 2.52
C GLY A 73 -22.33 -3.14 3.95
N SER A 74 -22.50 -4.24 4.69
CA SER A 74 -22.99 -4.17 6.05
C SER A 74 -21.91 -3.69 7.00
N THR A 75 -22.32 -2.94 8.02
CA THR A 75 -21.50 -2.54 9.17
C THR A 75 -22.14 -3.01 10.48
N ASN A 76 -23.01 -4.00 10.42
CA ASN A 76 -23.80 -4.43 11.57
C ASN A 76 -23.25 -5.77 12.06
N ALA A 77 -22.51 -5.75 13.18
CA ALA A 77 -21.92 -6.98 13.68
C ALA A 77 -22.96 -8.01 14.11
N LYS A 78 -24.18 -7.58 14.40
CA LYS A 78 -25.21 -8.52 14.80
C LYS A 78 -25.47 -9.53 13.69
N GLU A 79 -25.27 -9.15 12.43
CA GLU A 79 -25.47 -10.11 11.35
C GLU A 79 -24.42 -11.22 11.39
N LEU A 80 -23.21 -10.93 11.87
CA LEU A 80 -22.21 -11.98 12.06
C LEU A 80 -22.45 -12.80 13.33
N GLN A 81 -22.77 -12.13 14.43
CA GLN A 81 -23.06 -12.82 15.69
C GLN A 81 -24.17 -13.84 15.52
N GLU A 82 -25.22 -13.47 14.76
CA GLU A 82 -26.33 -14.35 14.43
C GLU A 82 -25.87 -15.61 13.71
N LYS A 83 -24.71 -15.55 13.06
CA LYS A 83 -24.10 -16.68 12.38
C LYS A 83 -22.96 -17.28 13.20
N ASP A 84 -22.88 -16.96 14.49
CA ASP A 84 -21.86 -17.50 15.40
C ASP A 84 -20.45 -17.05 15.00
N ILE A 85 -20.35 -15.84 14.46
CA ILE A 85 -19.07 -15.22 14.11
C ILE A 85 -18.87 -14.04 15.05
N HIS A 86 -17.88 -14.14 15.94
CA HIS A 86 -17.72 -13.16 17.01
C HIS A 86 -16.45 -12.33 16.87
N ILE A 87 -15.87 -12.30 15.68
CA ILE A 87 -14.57 -11.65 15.50
C ILE A 87 -14.64 -10.13 15.66
N TRP A 88 -15.82 -9.53 15.53
CA TRP A 88 -16.01 -8.09 15.71
C TRP A 88 -16.65 -7.75 17.05
N ASP A 89 -16.80 -8.74 17.93
CA ASP A 89 -17.46 -8.53 19.23
C ASP A 89 -16.66 -7.60 20.13
N GLY A 90 -15.34 -7.77 20.21
CA GLY A 90 -14.55 -6.99 21.13
C GLY A 90 -14.73 -5.49 20.97
N ASN A 91 -14.98 -5.05 19.73
CA ASN A 91 -15.02 -3.62 19.40
C ASN A 91 -16.43 -3.07 19.19
N SER A 92 -17.48 -3.74 19.70
CA SER A 92 -18.83 -3.33 19.32
C SER A 92 -19.87 -3.30 20.43
N SER A 93 -19.48 -3.42 21.70
CA SER A 93 -20.30 -2.97 22.86
C SER A 93 -19.68 -3.42 24.17
N ARG A 105 -23.92 5.13 20.37
CA ARG A 105 -24.16 4.30 19.19
C ARG A 105 -24.80 2.96 19.56
N GLU A 106 -25.60 2.41 18.65
CA GLU A 106 -26.38 1.23 18.93
C GLU A 106 -25.50 -0.03 18.94
N GLU A 107 -25.88 -0.98 19.79
CA GLU A 107 -25.24 -2.29 19.82
C GLU A 107 -25.12 -2.85 18.39
N GLY A 108 -23.91 -3.26 18.03
CA GLY A 108 -23.65 -3.86 16.75
C GLY A 108 -23.21 -2.91 15.66
N ASP A 109 -23.45 -1.61 15.80
CA ASP A 109 -23.11 -0.63 14.77
C ASP A 109 -21.62 -0.33 14.86
N LEU A 110 -20.85 -0.88 13.92
CA LEU A 110 -19.40 -0.72 13.91
C LEU A 110 -18.92 0.62 13.35
N GLY A 111 -19.82 1.47 12.87
CA GLY A 111 -19.40 2.65 12.19
C GLY A 111 -19.00 2.34 10.76
N PRO A 112 -18.30 3.33 10.07
CA PRO A 112 -18.02 3.25 8.62
C PRO A 112 -16.82 2.37 8.31
N VAL A 113 -16.97 1.08 8.61
CA VAL A 113 -15.90 0.11 8.42
C VAL A 113 -15.95 -0.45 7.01
N TYR A 114 -15.24 -1.55 6.75
CA TYR A 114 -14.99 -2.02 5.38
C TYR A 114 -16.23 -2.01 4.48
N GLY A 115 -17.29 -2.68 4.89
CA GLY A 115 -18.47 -2.77 4.04
C GLY A 115 -18.89 -1.42 3.51
N PHE A 116 -18.84 -0.40 4.36
CA PHE A 116 -19.25 0.95 3.98
C PHE A 116 -18.22 1.61 3.08
N GLN A 117 -16.93 1.47 3.39
CA GLN A 117 -15.90 2.09 2.53
C GLN A 117 -15.89 1.44 1.16
N TRP A 118 -16.03 0.12 1.11
CA TRP A 118 -15.99 -0.56 -0.17
C TRP A 118 -17.14 -0.14 -1.07
N ARG A 119 -18.32 0.13 -0.49
CA ARG A 119 -19.52 0.40 -1.25
C ARG A 119 -19.92 1.86 -1.27
N HIS A 120 -19.42 2.69 -0.34
CA HIS A 120 -19.91 4.06 -0.17
C HIS A 120 -18.81 5.03 0.25
N PHE A 121 -17.57 4.84 -0.23
CA PHE A 121 -16.47 5.70 0.21
C PHE A 121 -16.77 7.16 -0.04
N GLY A 122 -16.67 7.96 1.01
CA GLY A 122 -16.91 9.38 0.90
C GLY A 122 -18.29 9.82 1.35
N ALA A 123 -19.24 8.90 1.48
CA ALA A 123 -20.55 9.30 1.95
C ALA A 123 -20.50 9.64 3.45
N PRO A 124 -21.39 10.51 3.93
CA PRO A 124 -21.47 10.70 5.38
C PRO A 124 -22.13 9.50 6.04
N TYR A 125 -21.54 9.04 7.13
CA TYR A 125 -22.08 7.90 7.86
C TYR A 125 -23.05 8.37 8.94
N ALA A 126 -24.19 7.69 9.04
CA ALA A 126 -25.16 7.92 10.11
C ALA A 126 -25.19 6.73 11.05
N ASP A 127 -25.87 5.64 10.68
CA ASP A 127 -25.79 4.40 11.44
C ASP A 127 -25.89 3.21 10.50
N MET A 128 -25.86 2.01 11.08
CA MET A 128 -25.82 0.79 10.29
C MET A 128 -27.13 0.50 9.57
N HIS A 129 -28.22 1.16 9.94
CA HIS A 129 -29.49 0.94 9.27
C HIS A 129 -29.73 1.93 8.15
N THR A 130 -28.91 2.98 8.05
CA THR A 130 -29.13 4.01 7.04
C THR A 130 -29.02 3.42 5.64
N ASP A 131 -29.90 3.88 4.76
CA ASP A 131 -29.87 3.49 3.34
C ASP A 131 -28.92 4.43 2.63
N TYR A 132 -27.75 3.92 2.23
CA TYR A 132 -26.71 4.71 1.58
C TYR A 132 -26.71 4.54 0.07
N THR A 133 -27.73 3.90 -0.50
CA THR A 133 -27.79 3.73 -1.94
C THR A 133 -27.48 5.05 -2.66
N GLY A 134 -26.60 4.97 -3.66
CA GLY A 134 -26.24 6.11 -4.46
C GLY A 134 -25.29 7.10 -3.81
N GLN A 135 -24.85 6.85 -2.58
CA GLN A 135 -23.95 7.73 -1.86
C GLN A 135 -22.54 7.16 -1.84
N GLY A 136 -21.54 8.02 -2.04
CA GLY A 136 -20.15 7.60 -2.00
C GLY A 136 -19.77 6.78 -3.23
N VAL A 137 -18.51 6.34 -3.24
CA VAL A 137 -17.94 5.58 -4.35
C VAL A 137 -18.08 4.09 -4.05
N ASP A 138 -18.75 3.35 -4.92
CA ASP A 138 -18.81 1.88 -4.83
C ASP A 138 -17.55 1.36 -5.51
N GLN A 139 -16.51 1.22 -4.70
CA GLN A 139 -15.22 0.82 -5.22
C GLN A 139 -15.22 -0.62 -5.70
N LEU A 140 -16.01 -1.48 -5.06
CA LEU A 140 -16.02 -2.89 -5.43
C LEU A 140 -16.59 -3.07 -6.83
N GLN A 141 -17.72 -2.43 -7.13
CA GLN A 141 -18.24 -2.53 -8.49
C GLN A 141 -17.31 -1.83 -9.46
N GLN A 142 -16.67 -0.73 -9.04
CA GLN A 142 -15.72 -0.04 -9.90
C GLN A 142 -14.58 -0.98 -10.31
N VAL A 143 -14.06 -1.75 -9.37
CA VAL A 143 -12.99 -2.67 -9.70
C VAL A 143 -13.45 -3.71 -10.69
N ILE A 144 -14.66 -4.26 -10.47
CA ILE A 144 -15.17 -5.29 -11.38
C ILE A 144 -15.33 -4.73 -12.78
N ASP A 145 -15.89 -3.51 -12.89
CA ASP A 145 -16.07 -2.92 -14.20
C ASP A 145 -14.74 -2.69 -14.91
N THR A 146 -13.73 -2.21 -14.19
CA THR A 146 -12.45 -1.92 -14.82
C THR A 146 -11.76 -3.21 -15.28
N ILE A 147 -11.82 -4.26 -14.46
CA ILE A 147 -11.25 -5.55 -14.84
C ILE A 147 -11.89 -6.03 -16.13
N LYS A 148 -13.20 -5.88 -16.26
CA LYS A 148 -13.89 -6.36 -17.46
C LYS A 148 -13.58 -5.49 -18.68
N ASN A 149 -13.50 -4.17 -18.50
CA ASN A 149 -13.46 -3.24 -19.62
C ASN A 149 -12.06 -2.72 -19.95
N ASN A 150 -11.14 -2.68 -18.99
CA ASN A 150 -9.81 -2.12 -19.19
C ASN A 150 -8.85 -2.84 -18.24
N PRO A 151 -8.62 -4.14 -18.48
CA PRO A 151 -7.85 -4.93 -17.49
C PRO A 151 -6.42 -4.49 -17.30
N ASP A 152 -5.81 -3.76 -18.23
CA ASP A 152 -4.45 -3.30 -18.03
C ASP A 152 -4.36 -2.04 -17.17
N ASP A 153 -5.50 -1.49 -16.77
CA ASP A 153 -5.52 -0.31 -15.93
C ASP A 153 -4.67 -0.51 -14.67
N ARG A 154 -3.91 0.52 -14.29
CA ARG A 154 -3.03 0.45 -13.13
C ARG A 154 -3.61 1.17 -11.92
N ARG A 155 -4.91 1.42 -11.92
CA ARG A 155 -5.60 2.08 -10.82
C ARG A 155 -6.75 1.23 -10.27
N ILE A 156 -6.63 -0.11 -10.37
CA ILE A 156 -7.72 -1.00 -9.97
C ILE A 156 -7.59 -1.20 -8.47
N ILE A 157 -8.08 -0.25 -7.71
CA ILE A 157 -7.81 -0.14 -6.29
C ILE A 157 -9.11 -0.04 -5.51
N MET A 158 -9.13 -0.71 -4.36
CA MET A 158 -10.16 -0.54 -3.36
CA MET A 158 -10.16 -0.58 -3.34
C MET A 158 -9.48 -0.14 -2.06
N CYS A 159 -9.85 1.02 -1.54
CA CYS A 159 -9.20 1.61 -0.37
C CYS A 159 -10.18 1.72 0.79
N ALA A 160 -9.83 1.10 1.93
CA ALA A 160 -10.65 1.22 3.13
C ALA A 160 -10.12 2.27 4.09
N TRP A 161 -8.86 2.66 3.95
CA TRP A 161 -8.27 3.71 4.77
C TRP A 161 -8.82 5.06 4.33
N ASN A 162 -9.72 5.61 5.13
CA ASN A 162 -10.35 6.90 4.85
C ASN A 162 -10.01 7.82 5.99
N PRO A 163 -9.04 8.70 5.84
CA PRO A 163 -8.67 9.60 6.94
C PRO A 163 -9.84 10.38 7.55
N VAL A 164 -10.88 10.70 6.76
CA VAL A 164 -12.02 11.41 7.31
C VAL A 164 -12.75 10.54 8.32
N ASP A 165 -12.90 9.25 8.02
CA ASP A 165 -13.80 8.35 8.77
C ASP A 165 -13.12 7.53 9.83
N VAL A 166 -11.81 7.41 9.81
CA VAL A 166 -11.12 6.53 10.76
C VAL A 166 -11.55 6.91 12.18
N PRO A 167 -11.68 8.20 12.52
CA PRO A 167 -12.10 8.55 13.89
C PRO A 167 -13.50 8.08 14.26
N LYS A 168 -14.37 7.80 13.29
CA LYS A 168 -15.71 7.28 13.58
C LYS A 168 -15.77 5.76 13.61
N MET A 169 -14.67 5.09 13.25
CA MET A 169 -14.67 3.64 13.13
C MET A 169 -14.41 3.00 14.48
N ALA A 170 -15.09 1.90 14.74
CA ALA A 170 -14.85 1.15 15.97
C ALA A 170 -13.39 0.75 16.12
N LEU A 171 -12.68 0.54 14.99
CA LEU A 171 -11.28 0.14 14.93
C LEU A 171 -10.73 0.58 13.57
N PRO A 172 -9.59 1.27 13.49
CA PRO A 172 -9.05 1.64 12.18
C PRO A 172 -8.71 0.42 11.34
N PRO A 173 -9.00 0.43 10.04
CA PRO A 173 -8.78 -0.78 9.24
C PRO A 173 -7.31 -1.18 9.23
N CYS A 174 -7.06 -2.47 9.47
CA CYS A 174 -5.73 -3.02 9.24
C CYS A 174 -5.43 -3.19 7.76
N HIS A 175 -6.46 -3.37 6.94
CA HIS A 175 -6.34 -3.67 5.52
C HIS A 175 -6.61 -2.40 4.77
N CYS A 176 -5.53 -1.65 4.56
CA CYS A 176 -5.67 -0.28 4.09
C CYS A 176 -6.22 -0.24 2.69
N LEU A 177 -5.64 -1.04 1.79
CA LEU A 177 -6.10 -1.02 0.42
C LEU A 177 -5.66 -2.29 -0.24
N CYS A 178 -6.33 -2.59 -1.34
CA CYS A 178 -5.86 -3.66 -2.20
C CYS A 178 -5.93 -3.19 -3.64
N GLN A 179 -5.12 -3.83 -4.46
CA GLN A 179 -4.99 -3.51 -5.87
C GLN A 179 -5.08 -4.79 -6.67
N PHE A 180 -5.69 -4.73 -7.85
CA PHE A 180 -5.82 -5.89 -8.74
C PHE A 180 -4.99 -5.68 -10.00
N TYR A 181 -4.69 -6.80 -10.66
CA TYR A 181 -3.80 -6.82 -11.83
C TYR A 181 -4.19 -7.99 -12.69
N VAL A 182 -4.17 -7.81 -14.02
CA VAL A 182 -4.59 -8.84 -14.96
C VAL A 182 -3.47 -9.11 -15.95
N ALA A 183 -3.06 -10.37 -16.07
CA ALA A 183 -2.13 -10.81 -17.09
C ALA A 183 -2.25 -12.32 -17.23
N ASN A 184 -1.98 -12.84 -18.43
CA ASN A 184 -1.92 -14.29 -18.65
C ASN A 184 -3.26 -14.95 -18.32
N GLY A 185 -4.35 -14.24 -18.55
CA GLY A 185 -5.67 -14.75 -18.25
C GLY A 185 -5.96 -14.84 -16.77
N GLU A 186 -5.12 -14.22 -15.95
CA GLU A 186 -5.15 -14.37 -14.50
C GLU A 186 -5.38 -13.04 -13.81
N LEU A 187 -6.19 -13.08 -12.73
CA LEU A 187 -6.43 -11.96 -11.83
C LEU A 187 -5.56 -12.12 -10.57
N SER A 188 -4.70 -11.14 -10.27
CA SER A 188 -3.93 -11.12 -9.05
C SER A 188 -4.41 -9.97 -8.17
N CYS A 189 -4.08 -10.08 -6.87
CA CYS A 189 -4.46 -9.08 -5.89
C CYS A 189 -3.31 -8.83 -4.94
N GLN A 190 -3.03 -7.56 -4.65
CA GLN A 190 -2.08 -7.21 -3.60
C GLN A 190 -2.78 -6.44 -2.50
N LEU A 191 -2.54 -6.85 -1.26
CA LEU A 191 -3.04 -6.20 -0.06
C LEU A 191 -1.93 -5.44 0.63
N TYR A 192 -2.19 -4.17 1.03
CA TYR A 192 -1.36 -3.45 1.97
C TYR A 192 -2.00 -3.53 3.36
N GLN A 193 -1.37 -4.28 4.25
CA GLN A 193 -1.84 -4.47 5.62
C GLN A 193 -0.91 -3.72 6.56
N ARG A 194 -1.41 -2.65 7.18
CA ARG A 194 -0.55 -1.80 8.00
C ARG A 194 -0.07 -2.45 9.27
N SER A 195 -0.79 -3.44 9.76
CA SER A 195 -0.60 -3.99 11.10
C SER A 195 -1.03 -5.44 11.04
N ALA A 196 -0.11 -6.33 11.36
CA ALA A 196 -0.29 -7.76 11.11
C ALA A 196 0.13 -8.55 12.36
N ASP A 197 -0.87 -9.07 13.06
CA ASP A 197 -0.67 -10.00 14.16
C ASP A 197 -0.41 -11.37 13.53
N MET A 198 0.86 -11.75 13.46
CA MET A 198 1.22 -12.94 12.73
C MET A 198 0.57 -14.17 13.32
N GLY A 199 0.38 -14.17 14.64
CA GLY A 199 -0.16 -15.33 15.31
C GLY A 199 -1.64 -15.55 15.01
N LEU A 200 -2.45 -14.51 15.13
CA LEU A 200 -3.89 -14.67 15.10
C LEU A 200 -4.50 -14.16 13.80
N GLY A 201 -4.31 -12.90 13.46
CA GLY A 201 -5.01 -12.35 12.31
C GLY A 201 -4.49 -12.76 10.94
N VAL A 202 -3.18 -12.87 10.76
CA VAL A 202 -2.62 -12.97 9.41
C VAL A 202 -3.17 -14.16 8.62
N PRO A 203 -3.25 -15.37 9.19
CA PRO A 203 -3.79 -16.48 8.38
C PRO A 203 -5.20 -16.22 7.87
N PHE A 204 -6.05 -15.66 8.74
CA PHE A 204 -7.40 -15.31 8.35
C PHE A 204 -7.37 -14.25 7.24
N ASN A 205 -6.49 -13.27 7.37
CA ASN A 205 -6.39 -12.17 6.41
C ASN A 205 -5.94 -12.65 5.03
N ILE A 206 -4.96 -13.57 4.99
CA ILE A 206 -4.57 -14.20 3.73
C ILE A 206 -5.79 -14.80 3.04
N ALA A 207 -6.56 -15.62 3.79
CA ALA A 207 -7.69 -16.32 3.22
C ALA A 207 -8.77 -15.35 2.75
N SER A 208 -8.99 -14.26 3.50
CA SER A 208 -9.98 -13.27 3.10
CA SER A 208 -9.98 -13.27 3.10
C SER A 208 -9.70 -12.73 1.71
N TYR A 209 -8.47 -12.28 1.48
CA TYR A 209 -8.19 -11.63 0.20
C TYR A 209 -7.93 -12.65 -0.91
N ALA A 210 -7.46 -13.86 -0.59
CA ALA A 210 -7.48 -14.92 -1.57
C ALA A 210 -8.91 -15.23 -2.01
N LEU A 211 -9.85 -15.30 -1.06
CA LEU A 211 -11.24 -15.58 -1.41
C LEU A 211 -11.86 -14.46 -2.23
N LEU A 212 -11.60 -13.20 -1.86
CA LEU A 212 -12.09 -12.09 -2.67
C LEU A 212 -11.58 -12.18 -4.11
N THR A 213 -10.32 -12.55 -4.29
CA THR A 213 -9.77 -12.70 -5.64
C THR A 213 -10.47 -13.83 -6.38
N TYR A 214 -10.72 -14.98 -5.71
CA TYR A 214 -11.49 -16.06 -6.36
C TYR A 214 -12.86 -15.57 -6.81
N MET A 215 -13.53 -14.79 -5.97
CA MET A 215 -14.88 -14.31 -6.29
C MET A 215 -14.86 -13.34 -7.45
N ILE A 216 -13.94 -12.36 -7.41
CA ILE A 216 -13.87 -11.39 -8.50
C ILE A 216 -13.42 -12.07 -9.79
N ALA A 217 -12.44 -12.97 -9.72
CA ALA A 217 -12.05 -13.71 -10.93
C ALA A 217 -13.24 -14.43 -11.54
N HIS A 218 -14.02 -15.09 -10.68
CA HIS A 218 -15.17 -15.86 -11.15
C HIS A 218 -16.12 -14.99 -11.95
N VAL A 219 -16.48 -13.83 -11.42
CA VAL A 219 -17.48 -13.00 -12.09
C VAL A 219 -16.92 -12.15 -13.22
N THR A 220 -15.59 -12.11 -13.37
CA THR A 220 -14.96 -11.42 -14.48
C THR A 220 -14.39 -12.37 -15.52
N ASP A 221 -14.67 -13.68 -15.39
CA ASP A 221 -14.26 -14.69 -16.37
C ASP A 221 -12.75 -14.76 -16.50
N LEU A 222 -12.06 -14.62 -15.37
CA LEU A 222 -10.62 -14.76 -15.28
C LEU A 222 -10.31 -15.92 -14.33
N LYS A 223 -9.03 -16.34 -14.33
CA LYS A 223 -8.58 -17.37 -13.41
C LYS A 223 -7.79 -16.73 -12.28
N PRO A 224 -7.92 -17.13 -11.03
CA PRO A 224 -7.05 -16.56 -10.00
C PRO A 224 -5.56 -16.78 -10.31
N GLY A 225 -4.76 -15.77 -10.00
CA GLY A 225 -3.32 -15.81 -10.23
C GLY A 225 -2.55 -15.88 -8.92
N ASP A 226 -2.10 -14.72 -8.42
CA ASP A 226 -1.40 -14.62 -7.15
C ASP A 226 -2.10 -13.69 -6.18
N PHE A 227 -1.96 -14.00 -4.90
CA PHE A 227 -2.23 -13.04 -3.82
C PHE A 227 -0.88 -12.60 -3.28
N VAL A 228 -0.64 -11.31 -3.33
CA VAL A 228 0.58 -10.68 -2.80
C VAL A 228 0.18 -9.96 -1.52
N HIS A 229 0.84 -10.32 -0.43
CA HIS A 229 0.52 -9.82 0.90
C HIS A 229 1.66 -8.95 1.39
N THR A 230 1.43 -7.63 1.45
CA THR A 230 2.45 -6.72 1.93
C THR A 230 2.10 -6.26 3.34
N LEU A 231 3.09 -6.30 4.24
CA LEU A 231 2.91 -5.98 5.64
C LEU A 231 3.70 -4.73 6.01
N GLY A 232 3.10 -3.92 6.86
CA GLY A 232 3.76 -2.82 7.51
C GLY A 232 4.39 -3.30 8.80
N ASP A 233 3.71 -3.05 9.93
CA ASP A 233 4.16 -3.48 11.25
C ASP A 233 3.72 -4.93 11.41
N ALA A 234 4.66 -5.85 11.22
CA ALA A 234 4.43 -7.28 11.31
C ALA A 234 4.97 -7.76 12.65
N HIS A 235 4.10 -8.36 13.46
CA HIS A 235 4.48 -8.52 14.86
C HIS A 235 3.92 -9.81 15.44
N VAL A 236 4.62 -10.26 16.48
CA VAL A 236 4.25 -11.35 17.35
C VAL A 236 4.03 -10.77 18.73
N TYR A 237 2.88 -11.04 19.33
CA TYR A 237 2.69 -10.63 20.71
C TYR A 237 3.58 -11.45 21.63
N SER A 238 4.14 -10.78 22.64
CA SER A 238 5.14 -11.41 23.47
C SER A 238 4.63 -12.71 24.09
N ASN A 239 3.34 -12.76 24.45
CA ASN A 239 2.82 -13.98 25.06
C ASN A 239 2.43 -15.06 24.04
N HIS A 240 2.69 -14.85 22.75
CA HIS A 240 2.46 -15.87 21.74
C HIS A 240 3.70 -16.72 21.43
N CYS A 241 4.87 -16.38 21.98
CA CYS A 241 6.09 -16.97 21.45
C CYS A 241 6.15 -18.47 21.72
N GLU A 242 5.71 -18.92 22.90
CA GLU A 242 5.76 -20.33 23.22
C GLU A 242 4.93 -21.13 22.23
N ALA A 243 3.70 -20.69 22.02
CA ALA A 243 2.80 -21.35 21.08
C ALA A 243 3.38 -21.36 19.67
N LEU A 244 3.92 -20.21 19.23
CA LEU A 244 4.46 -20.15 17.87
C LEU A 244 5.72 -20.98 17.73
N GLU A 245 6.53 -21.09 18.78
CA GLU A 245 7.66 -22.00 18.74
C GLU A 245 7.19 -23.44 18.51
N GLU A 246 6.06 -23.82 19.12
CA GLU A 246 5.48 -25.13 18.86
C GLU A 246 4.98 -25.23 17.43
N GLN A 247 4.35 -24.17 16.91
CA GLN A 247 3.81 -24.23 15.56
C GLN A 247 4.91 -24.38 14.53
N LEU A 248 6.07 -23.77 14.78
CA LEU A 248 7.19 -23.80 13.84
C LEU A 248 7.79 -25.20 13.71
N LYS A 249 7.42 -26.12 14.60
CA LYS A 249 7.85 -27.51 14.49
C LYS A 249 7.02 -28.29 13.48
N ARG A 250 5.92 -27.71 13.01
CA ARG A 250 4.97 -28.40 12.16
C ARG A 250 5.26 -28.14 10.69
N GLU A 251 5.15 -29.17 9.91
CA GLU A 251 5.36 -29.12 8.47
C GLU A 251 4.05 -28.75 7.79
N PRO A 252 4.03 -27.78 6.87
CA PRO A 252 2.79 -27.51 6.14
C PRO A 252 2.34 -28.75 5.39
N ARG A 253 1.03 -28.90 5.28
CA ARG A 253 0.40 -29.88 4.43
C ARG A 253 -0.12 -29.22 3.16
N PRO A 254 -0.30 -29.99 2.10
CA PRO A 254 -0.80 -29.39 0.86
C PRO A 254 -2.07 -28.59 1.10
N PHE A 255 -2.10 -27.40 0.54
CA PHE A 255 -3.25 -26.53 0.68
C PHE A 255 -4.50 -27.22 0.18
N PRO A 256 -5.65 -26.83 0.70
CA PRO A 256 -6.92 -27.31 0.14
C PRO A 256 -7.15 -26.75 -1.25
N SER A 257 -8.21 -27.21 -1.89
CA SER A 257 -8.67 -26.64 -3.14
C SER A 257 -9.99 -25.94 -2.92
N LEU A 258 -10.28 -24.97 -3.77
CA LEU A 258 -11.54 -24.23 -3.72
C LEU A 258 -12.16 -24.23 -5.11
N LYS A 259 -13.41 -24.64 -5.17
CA LYS A 259 -14.20 -24.55 -6.39
C LYS A 259 -15.48 -23.80 -6.07
N ILE A 260 -15.98 -23.08 -7.06
CA ILE A 260 -17.27 -22.40 -6.98
C ILE A 260 -18.24 -23.24 -7.79
N LYS A 261 -19.32 -23.71 -7.14
CA LYS A 261 -20.13 -24.83 -7.62
C LYS A 261 -21.13 -24.49 -8.71
N ARG A 262 -21.32 -23.21 -9.02
CA ARG A 262 -22.27 -22.78 -10.03
C ARG A 262 -21.75 -21.49 -10.64
N LYS A 263 -22.33 -21.10 -11.76
CA LYS A 263 -21.97 -19.85 -12.43
C LYS A 263 -22.67 -18.72 -11.71
N VAL A 264 -21.92 -18.04 -10.84
CA VAL A 264 -22.42 -16.87 -10.15
C VAL A 264 -22.25 -15.67 -11.06
N GLU A 265 -23.33 -14.95 -11.31
CA GLU A 265 -23.28 -13.91 -12.32
C GLU A 265 -22.57 -12.66 -11.79
N ASN A 266 -22.87 -12.27 -10.56
CA ASN A 266 -22.39 -11.00 -10.05
C ASN A 266 -21.84 -11.15 -8.64
N ILE A 267 -20.96 -10.21 -8.26
CA ILE A 267 -20.25 -10.32 -6.99
C ILE A 267 -21.22 -10.37 -5.82
N SER A 268 -22.40 -9.74 -5.95
CA SER A 268 -23.34 -9.71 -4.84
C SER A 268 -24.17 -10.98 -4.70
N ASP A 269 -24.05 -11.93 -5.63
CA ASP A 269 -24.91 -13.11 -5.68
C ASP A 269 -24.32 -14.31 -4.99
N PHE A 270 -23.10 -14.21 -4.47
CA PHE A 270 -22.47 -15.34 -3.82
C PHE A 270 -23.16 -15.66 -2.51
N LYS A 271 -23.29 -16.95 -2.22
CA LYS A 271 -23.76 -17.40 -0.92
C LYS A 271 -22.74 -18.39 -0.38
N PHE A 272 -22.73 -18.58 0.93
CA PHE A 272 -21.72 -19.42 1.56
C PHE A 272 -21.67 -20.81 0.94
N GLU A 273 -22.83 -21.40 0.64
CA GLU A 273 -22.86 -22.74 0.09
C GLU A 273 -22.30 -22.83 -1.33
N ASP A 274 -22.00 -21.69 -1.97
CA ASP A 274 -21.40 -21.72 -3.30
C ASP A 274 -19.95 -22.17 -3.26
N PHE A 275 -19.32 -22.16 -2.10
CA PHE A 275 -17.91 -22.49 -1.99
C PHE A 275 -17.76 -23.96 -1.63
N GLU A 276 -16.92 -24.64 -2.37
CA GLU A 276 -16.58 -26.04 -2.16
C GLU A 276 -15.10 -26.06 -1.79
N LEU A 277 -14.81 -26.10 -0.50
CA LEU A 277 -13.44 -26.20 0.01
C LEU A 277 -13.12 -27.67 0.28
N ASP A 278 -12.23 -28.24 -0.52
CA ASP A 278 -11.94 -29.67 -0.48
C ASP A 278 -10.54 -29.91 0.09
N GLY A 279 -10.41 -30.90 0.95
CA GLY A 279 -9.10 -31.35 1.35
C GLY A 279 -8.39 -30.51 2.38
N TYR A 280 -9.11 -29.74 3.19
CA TYR A 280 -8.46 -28.95 4.22
C TYR A 280 -8.15 -29.86 5.39
N LYS A 281 -6.85 -30.05 5.64
CA LYS A 281 -6.35 -30.99 6.65
C LYS A 281 -5.31 -30.31 7.52
N PRO A 282 -5.72 -29.32 8.29
CA PRO A 282 -4.74 -28.58 9.11
C PRO A 282 -4.32 -29.37 10.33
N HIS A 283 -3.12 -29.02 10.84
CA HIS A 283 -2.76 -29.38 12.20
C HIS A 283 -3.75 -28.76 13.17
N PRO A 284 -3.86 -29.29 14.38
CA PRO A 284 -4.90 -28.79 15.31
C PRO A 284 -4.71 -27.33 15.66
N LYS A 285 -5.79 -26.71 16.14
CA LYS A 285 -5.71 -25.35 16.66
C LYS A 285 -4.70 -25.27 17.80
N ILE A 286 -4.10 -24.08 17.96
CA ILE A 286 -3.23 -23.76 19.08
C ILE A 286 -3.82 -22.57 19.82
N LYS A 287 -3.90 -22.69 21.15
CA LYS A 287 -4.47 -21.62 21.95
C LYS A 287 -3.53 -20.42 21.98
N MET A 288 -4.11 -19.24 21.77
CA MET A 288 -3.33 -18.00 21.69
C MET A 288 -4.28 -16.87 22.08
N GLU A 289 -4.04 -16.22 23.21
CA GLU A 289 -4.96 -15.19 23.65
C GLU A 289 -4.79 -13.94 22.81
N MET A 290 -5.92 -13.36 22.39
CA MET A 290 -5.90 -12.16 21.59
C MET A 290 -5.71 -10.94 22.50
N ALA A 291 -4.73 -10.09 22.14
CA ALA A 291 -4.53 -8.84 22.85
C ALA A 291 -5.74 -7.93 22.67
N VAL A 292 -5.95 -7.06 23.64
CA VAL A 292 -7.08 -6.14 23.60
C VAL A 292 -6.57 -4.70 23.67
N MET B 4 27.72 -7.41 2.56
CA MET B 4 26.49 -6.59 2.33
C MET B 4 26.54 -5.94 0.95
N ARG B 5 25.66 -6.39 0.08
CA ARG B 5 25.62 -5.93 -1.30
C ARG B 5 25.01 -4.53 -1.37
N HIS B 6 25.51 -3.72 -2.29
CA HIS B 6 25.01 -2.35 -2.44
C HIS B 6 23.50 -2.35 -2.64
N ASP B 7 22.81 -1.47 -1.92
CA ASP B 7 21.34 -1.43 -1.98
C ASP B 7 20.82 -1.14 -3.38
N GLU B 8 21.60 -0.41 -4.21
CA GLU B 8 21.13 -0.12 -5.56
C GLU B 8 20.94 -1.38 -6.39
N TYR B 9 21.59 -2.49 -6.01
CA TYR B 9 21.37 -3.69 -6.80
C TYR B 9 19.93 -4.18 -6.70
N GLN B 10 19.18 -3.78 -5.69
CA GLN B 10 17.78 -4.22 -5.67
C GLN B 10 17.03 -3.66 -6.84
N TYR B 11 17.29 -2.39 -7.14
CA TYR B 11 16.68 -1.76 -8.29
C TYR B 11 17.16 -2.40 -9.58
N LEU B 12 18.48 -2.55 -9.73
CA LEU B 12 19.02 -3.15 -10.94
C LEU B 12 18.52 -4.58 -11.11
N ASP B 13 18.47 -5.36 -10.03
CA ASP B 13 18.03 -6.74 -10.15
C ASP B 13 16.58 -6.83 -10.59
N LEU B 14 15.74 -5.88 -10.10
CA LEU B 14 14.34 -5.88 -10.45
C LEU B 14 14.14 -5.49 -11.91
N ILE B 15 14.87 -4.49 -12.41
CA ILE B 15 14.81 -4.19 -13.84
C ILE B 15 15.19 -5.42 -14.65
N ARG B 16 16.26 -6.10 -14.24
CA ARG B 16 16.74 -7.26 -14.97
C ARG B 16 15.66 -8.33 -14.99
N GLN B 17 15.03 -8.59 -13.84
CA GLN B 17 14.00 -9.62 -13.71
C GLN B 17 12.78 -9.27 -14.56
N ILE B 18 12.36 -8.01 -14.52
CA ILE B 18 11.19 -7.60 -15.29
C ILE B 18 11.44 -7.78 -16.79
N MET B 19 12.60 -7.33 -17.26
CA MET B 19 12.84 -7.45 -18.70
C MET B 19 12.93 -8.92 -19.12
N ARG B 20 13.43 -9.79 -18.24
CA ARG B 20 13.56 -11.19 -18.61
C ARG B 20 12.22 -11.91 -18.62
N THR B 21 11.48 -11.84 -17.51
CA THR B 21 10.29 -12.66 -17.32
C THR B 21 8.99 -11.89 -17.23
N GLY B 22 9.03 -10.55 -17.32
CA GLY B 22 7.83 -9.78 -17.13
C GLY B 22 6.81 -10.02 -18.22
N ASN B 23 5.59 -9.65 -17.90
CA ASN B 23 4.48 -9.83 -18.80
C ASN B 23 4.44 -8.73 -19.84
N ARG B 24 4.36 -9.11 -21.11
CA ARG B 24 4.28 -8.15 -22.19
C ARG B 24 2.82 -7.80 -22.43
N LYS B 25 2.48 -6.52 -22.22
CA LYS B 25 1.11 -6.06 -22.38
C LYS B 25 1.10 -4.72 -23.09
N GLY B 26 -0.10 -4.21 -23.36
CA GLY B 26 -0.27 -2.84 -23.83
C GLY B 26 -0.43 -1.82 -22.72
N THR B 29 -1.68 4.44 -23.02
CA THR B 29 -1.00 4.94 -24.20
C THR B 29 -0.82 3.81 -25.21
N GLY B 30 0.02 4.04 -26.20
CA GLY B 30 0.25 3.04 -27.23
C GLY B 30 1.56 2.31 -27.03
N THR B 31 2.34 2.74 -26.03
CA THR B 31 3.63 2.13 -25.78
C THR B 31 3.46 0.81 -25.03
N GLY B 32 4.29 -0.16 -25.39
CA GLY B 32 4.26 -1.43 -24.73
C GLY B 32 4.83 -1.34 -23.33
N THR B 33 4.31 -2.19 -22.44
CA THR B 33 4.84 -2.32 -21.10
C THR B 33 5.28 -3.76 -20.89
N ILE B 34 6.28 -3.91 -20.04
CA ILE B 34 6.76 -5.20 -19.57
C ILE B 34 6.64 -5.14 -18.06
N SER B 35 5.82 -6.02 -17.47
CA SER B 35 5.43 -5.72 -16.09
C SER B 35 5.40 -6.95 -15.21
N MET B 36 5.63 -6.69 -13.92
CA MET B 36 5.46 -7.65 -12.85
C MET B 36 4.51 -7.04 -11.84
N PHE B 37 3.85 -7.87 -11.05
CA PHE B 37 2.96 -7.38 -10.00
C PHE B 37 3.44 -7.83 -8.64
N GLY B 38 3.77 -6.87 -7.82
CA GLY B 38 4.23 -7.10 -6.47
C GLY B 38 5.74 -7.18 -6.38
N ALA B 39 6.35 -6.15 -5.82
CA ALA B 39 7.78 -6.13 -5.56
C ALA B 39 8.01 -5.29 -4.31
N GLN B 40 9.20 -5.44 -3.72
CA GLN B 40 9.55 -4.74 -2.49
C GLN B 40 11.07 -4.61 -2.41
N MET B 41 11.53 -3.38 -2.21
CA MET B 41 12.94 -3.07 -2.01
C MET B 41 13.09 -2.39 -0.66
N ARG B 42 14.32 -2.42 -0.11
CA ARG B 42 14.61 -1.80 1.18
C ARG B 42 15.93 -1.06 1.06
N TYR B 43 15.91 0.23 1.38
CA TYR B 43 17.10 1.08 1.30
C TYR B 43 17.41 1.58 2.69
N SER B 44 18.61 1.26 3.19
CA SER B 44 19.03 1.83 4.46
C SER B 44 19.23 3.32 4.28
N LEU B 45 18.77 4.08 5.28
CA LEU B 45 18.95 5.52 5.34
C LEU B 45 19.90 5.91 6.45
N ARG B 46 20.59 4.94 7.06
CA ARG B 46 21.30 5.17 8.30
C ARG B 46 22.64 5.83 8.07
N ASP B 47 23.12 6.48 9.11
CA ASP B 47 24.50 6.98 9.17
C ASP B 47 24.76 7.99 8.05
N GLY B 48 23.74 8.79 7.74
CA GLY B 48 23.83 9.85 6.75
C GLY B 48 23.72 9.37 5.32
N ILE B 49 23.54 8.06 5.08
CA ILE B 49 23.53 7.56 3.72
C ILE B 49 22.20 7.91 3.07
N PHE B 50 22.27 8.39 1.83
CA PHE B 50 21.09 8.82 1.09
C PHE B 50 21.01 8.08 -0.22
N PRO B 51 19.96 7.32 -0.46
CA PRO B 51 19.89 6.41 -1.64
C PRO B 51 19.47 7.11 -2.93
N LEU B 52 20.34 7.99 -3.41
CA LEU B 52 20.17 8.63 -4.70
C LEU B 52 20.93 7.80 -5.71
N LEU B 53 20.23 7.17 -6.65
CA LEU B 53 20.86 6.14 -7.43
C LEU B 53 22.01 6.72 -8.26
N THR B 54 23.02 5.87 -8.45
CA THR B 54 24.30 6.29 -9.01
C THR B 54 24.55 5.75 -10.41
N THR B 55 23.82 4.72 -10.86
CA THR B 55 24.07 4.22 -12.21
C THR B 55 23.41 5.07 -13.29
N LYS B 56 22.72 6.15 -12.92
CA LYS B 56 22.21 7.16 -13.85
C LYS B 56 21.97 8.43 -13.04
N ARG B 57 22.52 9.56 -13.51
CA ARG B 57 22.41 10.81 -12.75
C ARG B 57 20.95 11.17 -12.57
N VAL B 58 20.56 11.37 -11.30
CA VAL B 58 19.18 11.70 -10.92
C VAL B 58 19.11 13.18 -10.62
N PHE B 59 17.91 13.74 -10.79
CA PHE B 59 17.67 15.19 -10.71
C PHE B 59 17.39 15.58 -9.25
N TRP B 60 18.46 15.65 -8.46
CA TRP B 60 18.35 15.88 -7.02
C TRP B 60 17.59 17.16 -6.71
N ARG B 61 17.91 18.25 -7.41
CA ARG B 61 17.23 19.50 -7.08
C ARG B 61 15.74 19.41 -7.37
N GLY B 62 15.37 18.68 -8.42
CA GLY B 62 13.95 18.43 -8.68
C GLY B 62 13.28 17.62 -7.58
N VAL B 63 13.97 16.58 -7.09
CA VAL B 63 13.43 15.79 -5.99
C VAL B 63 13.13 16.68 -4.79
N ALA B 64 14.10 17.48 -4.37
CA ALA B 64 13.93 18.26 -3.16
C ALA B 64 12.88 19.35 -3.33
N GLU B 65 12.90 20.09 -4.45
CA GLU B 65 11.92 21.14 -4.66
C GLU B 65 10.51 20.57 -4.80
N GLU B 66 10.36 19.41 -5.48
CA GLU B 66 9.02 18.84 -5.59
C GLU B 66 8.51 18.48 -4.21
N LEU B 67 9.39 17.93 -3.37
CA LEU B 67 8.94 17.52 -2.06
C LEU B 67 8.60 18.72 -1.19
N LEU B 68 9.41 19.79 -1.25
CA LEU B 68 9.07 21.01 -0.50
C LEU B 68 7.74 21.59 -0.96
N TRP B 69 7.44 21.44 -2.26
CA TRP B 69 6.20 21.90 -2.85
C TRP B 69 5.01 21.10 -2.32
N PHE B 70 5.14 19.76 -2.25
CA PHE B 70 4.15 18.91 -1.59
C PHE B 70 3.86 19.39 -0.19
N VAL B 71 4.94 19.62 0.56
CA VAL B 71 4.81 19.95 1.99
C VAL B 71 4.09 21.27 2.18
N ARG B 72 4.24 22.21 1.24
CA ARG B 72 3.50 23.47 1.25
C ARG B 72 2.02 23.27 0.96
N GLY B 73 1.61 22.08 0.53
CA GLY B 73 0.26 21.80 0.13
C GLY B 73 -0.07 22.25 -1.27
N SER B 74 0.92 22.63 -2.06
CA SER B 74 0.66 23.24 -3.35
C SER B 74 0.27 22.18 -4.38
N THR B 75 -0.62 22.59 -5.29
CA THR B 75 -0.98 21.80 -6.47
C THR B 75 -0.76 22.60 -7.75
N ASN B 76 0.06 23.65 -7.67
CA ASN B 76 0.28 24.59 -8.76
C ASN B 76 1.65 24.31 -9.39
N ALA B 77 1.63 23.69 -10.57
CA ALA B 77 2.87 23.34 -11.24
C ALA B 77 3.69 24.55 -11.64
N LYS B 78 3.06 25.74 -11.74
CA LYS B 78 3.84 26.92 -12.10
C LYS B 78 4.87 27.24 -11.03
N GLU B 79 4.61 26.88 -9.77
CA GLU B 79 5.60 27.11 -8.73
C GLU B 79 6.83 26.26 -8.94
N LEU B 80 6.68 25.07 -9.53
CA LEU B 80 7.87 24.29 -9.89
C LEU B 80 8.55 24.87 -11.12
N GLN B 81 7.78 25.28 -12.11
CA GLN B 81 8.37 25.89 -13.30
C GLN B 81 9.23 27.10 -12.97
N GLU B 82 8.77 27.94 -12.03
CA GLU B 82 9.54 29.12 -11.60
C GLU B 82 10.91 28.74 -11.07
N LYS B 83 11.08 27.50 -10.61
CA LYS B 83 12.36 27.00 -10.13
C LYS B 83 13.01 26.10 -11.16
N ASP B 84 12.55 26.16 -12.41
CA ASP B 84 13.13 25.39 -13.51
C ASP B 84 13.03 23.89 -13.25
N ILE B 85 11.91 23.47 -12.65
CA ILE B 85 11.54 22.08 -12.41
C ILE B 85 10.32 21.83 -13.29
N HIS B 86 10.46 20.97 -14.31
CA HIS B 86 9.40 20.81 -15.31
C HIS B 86 8.75 19.43 -15.29
N ILE B 87 8.91 18.68 -14.21
CA ILE B 87 8.44 17.30 -14.19
C ILE B 87 6.92 17.17 -14.26
N TRP B 88 6.15 18.21 -13.91
CA TRP B 88 4.69 18.15 -14.00
C TRP B 88 4.14 18.99 -15.13
N ASP B 89 5.01 19.49 -16.02
CA ASP B 89 4.55 20.33 -17.11
C ASP B 89 3.62 19.56 -18.02
N GLY B 90 4.01 18.32 -18.36
CA GLY B 90 3.22 17.51 -19.26
C GLY B 90 1.79 17.31 -18.80
N ASN B 91 1.56 17.29 -17.48
CA ASN B 91 0.25 16.97 -16.96
C ASN B 91 -0.55 18.20 -16.56
N SER B 92 -0.10 19.39 -16.94
CA SER B 92 -0.78 20.60 -16.47
C SER B 92 -0.85 21.70 -17.51
N SER B 93 -0.51 21.43 -18.77
CA SER B 93 -0.75 22.41 -19.81
C SER B 93 -2.26 22.59 -19.99
N LYS B 94 -2.66 23.81 -20.34
CA LYS B 94 -4.08 24.05 -20.56
C LYS B 94 -4.65 23.08 -21.58
N GLU B 95 -3.84 22.70 -22.57
CA GLU B 95 -4.29 21.78 -23.60
C GLU B 95 -4.53 20.38 -23.01
N PHE B 96 -3.56 19.88 -22.25
CA PHE B 96 -3.75 18.59 -21.58
C PHE B 96 -5.00 18.59 -20.70
N LEU B 97 -5.16 19.65 -19.89
CA LEU B 97 -6.29 19.70 -18.97
C LEU B 97 -7.62 19.74 -19.73
N ASN B 98 -7.70 20.58 -20.76
CA ASN B 98 -8.90 20.61 -21.60
C ASN B 98 -9.18 19.24 -22.20
N LYS B 99 -8.13 18.56 -22.67
CA LYS B 99 -8.27 17.21 -23.22
C LYS B 99 -8.87 16.25 -22.21
N MET B 100 -8.43 16.34 -20.95
CA MET B 100 -8.95 15.49 -19.90
C MET B 100 -10.34 15.89 -19.43
N GLY B 101 -10.95 16.92 -20.01
CA GLY B 101 -12.27 17.36 -19.60
C GLY B 101 -12.31 18.42 -18.53
N PHE B 102 -11.16 19.00 -18.17
CA PHE B 102 -11.11 20.06 -17.17
C PHE B 102 -11.09 21.42 -17.88
N HIS B 103 -12.26 21.75 -18.44
CA HIS B 103 -12.33 22.90 -19.34
C HIS B 103 -12.20 24.22 -18.60
N ASP B 104 -12.56 24.25 -17.31
CA ASP B 104 -12.52 25.47 -16.53
C ASP B 104 -11.27 25.57 -15.65
N ARG B 105 -10.25 24.78 -15.95
CA ARG B 105 -9.04 24.73 -15.13
C ARG B 105 -7.90 25.48 -15.80
N GLU B 106 -7.17 26.27 -15.00
CA GLU B 106 -6.08 27.07 -15.53
C GLU B 106 -4.79 26.26 -15.65
N GLU B 107 -3.96 26.67 -16.60
CA GLU B 107 -2.61 26.17 -16.75
C GLU B 107 -1.92 26.06 -15.39
N GLY B 108 -1.32 24.89 -15.14
CA GLY B 108 -0.61 24.62 -13.92
C GLY B 108 -1.43 23.91 -12.86
N ASP B 109 -2.75 23.94 -12.95
CA ASP B 109 -3.59 23.40 -11.88
C ASP B 109 -3.76 21.89 -12.05
N LEU B 110 -3.01 21.15 -11.26
CA LEU B 110 -3.02 19.69 -11.31
C LEU B 110 -4.24 19.08 -10.64
N GLY B 111 -5.10 19.88 -10.03
CA GLY B 111 -6.18 19.33 -9.25
C GLY B 111 -5.72 18.87 -7.89
N PRO B 112 -6.55 18.08 -7.21
CA PRO B 112 -6.35 17.69 -5.80
C PRO B 112 -5.37 16.54 -5.63
N VAL B 113 -4.12 16.80 -6.00
CA VAL B 113 -3.03 15.84 -5.93
C VAL B 113 -2.28 15.95 -4.60
N TYR B 114 -1.06 15.39 -4.51
CA TYR B 114 -0.40 15.17 -3.23
C TYR B 114 -0.46 16.30 -2.21
N GLY B 115 0.02 17.49 -2.57
CA GLY B 115 0.05 18.58 -1.62
C GLY B 115 -1.30 18.77 -0.95
N PHE B 116 -2.35 18.68 -1.75
CA PHE B 116 -3.70 18.85 -1.22
C PHE B 116 -4.15 17.66 -0.37
N GLN B 117 -3.90 16.42 -0.83
CA GLN B 117 -4.32 15.28 -0.03
C GLN B 117 -3.53 15.17 1.27
N TRP B 118 -2.23 15.45 1.23
CA TRP B 118 -1.41 15.37 2.44
C TRP B 118 -1.85 16.36 3.51
N ARG B 119 -2.29 17.55 3.09
CA ARG B 119 -2.53 18.63 4.03
C ARG B 119 -4.01 18.89 4.27
N HIS B 120 -4.89 18.42 3.37
CA HIS B 120 -6.30 18.77 3.40
C HIS B 120 -7.23 17.63 2.96
N PHE B 121 -6.88 16.38 3.29
CA PHE B 121 -7.68 15.25 2.82
C PHE B 121 -9.13 15.41 3.24
N GLY B 122 -10.04 15.29 2.27
CA GLY B 122 -11.46 15.35 2.51
C GLY B 122 -12.09 16.70 2.21
N ALA B 123 -11.30 17.76 2.11
CA ALA B 123 -11.82 19.07 1.78
C ALA B 123 -12.28 19.08 0.33
N PRO B 124 -13.27 19.91 -0.01
CA PRO B 124 -13.64 20.08 -1.40
C PRO B 124 -12.54 20.84 -2.11
N TYR B 125 -12.22 20.41 -3.32
CA TYR B 125 -11.22 21.11 -4.10
C TYR B 125 -11.91 22.11 -5.00
N ALA B 126 -11.39 23.34 -5.04
CA ALA B 126 -11.90 24.37 -5.92
C ALA B 126 -10.89 24.62 -7.01
N ASP B 127 -9.81 25.36 -6.70
CA ASP B 127 -8.69 25.45 -7.64
C ASP B 127 -7.40 25.58 -6.83
N MET B 128 -6.29 25.69 -7.56
CA MET B 128 -4.98 25.68 -6.93
C MET B 128 -4.69 26.94 -6.12
N HIS B 129 -5.46 28.01 -6.31
CA HIS B 129 -5.22 29.23 -5.56
C HIS B 129 -6.03 29.34 -4.29
N THR B 130 -7.02 28.47 -4.11
CA THR B 130 -7.92 28.56 -2.97
C THR B 130 -7.17 28.41 -1.65
N ASP B 131 -7.62 29.18 -0.66
CA ASP B 131 -7.09 29.09 0.70
C ASP B 131 -7.80 27.95 1.42
N TYR B 132 -7.08 26.84 1.63
CA TYR B 132 -7.63 25.67 2.30
C TYR B 132 -7.21 25.57 3.77
N THR B 133 -6.64 26.63 4.33
CA THR B 133 -6.23 26.62 5.73
C THR B 133 -7.35 26.08 6.61
N GLY B 134 -7.02 25.11 7.47
CA GLY B 134 -7.98 24.57 8.40
C GLY B 134 -9.02 23.63 7.81
N GLN B 135 -8.94 23.32 6.52
CA GLN B 135 -9.89 22.43 5.88
C GLN B 135 -9.28 21.05 5.68
N GLY B 136 -10.08 20.02 5.90
CA GLY B 136 -9.64 18.66 5.66
C GLY B 136 -8.65 18.19 6.71
N VAL B 137 -8.15 16.97 6.50
CA VAL B 137 -7.23 16.36 7.44
C VAL B 137 -5.79 16.65 7.03
N ASP B 138 -5.03 17.26 7.96
CA ASP B 138 -3.61 17.53 7.75
C ASP B 138 -2.87 16.27 8.19
N GLN B 139 -2.79 15.32 7.26
CA GLN B 139 -2.18 14.04 7.57
C GLN B 139 -0.70 14.18 7.88
N LEU B 140 -0.01 15.12 7.22
CA LEU B 140 1.42 15.22 7.46
C LEU B 140 1.69 15.66 8.89
N GLN B 141 0.96 16.67 9.37
CA GLN B 141 1.16 17.08 10.74
C GLN B 141 0.69 16.01 11.71
N GLN B 142 -0.36 15.27 11.36
CA GLN B 142 -0.82 14.17 12.20
C GLN B 142 0.27 13.12 12.39
N VAL B 143 0.99 12.77 11.30
CA VAL B 143 2.05 11.78 11.41
C VAL B 143 3.15 12.27 12.32
N ILE B 144 3.53 13.54 12.17
CA ILE B 144 4.58 14.10 13.00
C ILE B 144 4.16 14.06 14.46
N ASP B 145 2.92 14.43 14.75
CA ASP B 145 2.45 14.43 16.13
C ASP B 145 2.41 13.03 16.72
N THR B 146 1.96 12.04 15.93
CA THR B 146 1.91 10.67 16.42
C THR B 146 3.32 10.14 16.66
N ILE B 147 4.27 10.44 15.76
CA ILE B 147 5.65 10.00 15.98
C ILE B 147 6.19 10.55 17.30
N LYS B 148 5.91 11.82 17.58
CA LYS B 148 6.38 12.47 18.81
C LYS B 148 5.71 11.89 20.05
N ASN B 149 4.41 11.66 19.96
CA ASN B 149 3.60 11.35 21.14
C ASN B 149 3.30 9.88 21.36
N ASN B 150 3.28 9.06 20.31
CA ASN B 150 2.88 7.66 20.43
C ASN B 150 3.61 6.89 19.32
N PRO B 151 4.94 6.83 19.41
CA PRO B 151 5.72 6.25 18.30
C PRO B 151 5.45 4.80 18.02
N ASP B 152 4.90 4.04 18.95
CA ASP B 152 4.60 2.64 18.67
C ASP B 152 3.28 2.44 17.96
N ASP B 153 2.52 3.51 17.76
CA ASP B 153 1.26 3.45 17.03
C ASP B 153 1.45 2.74 15.69
N ARG B 154 0.50 1.90 15.33
CA ARG B 154 0.57 1.15 14.08
C ARG B 154 -0.33 1.73 12.99
N ARG B 155 -0.72 2.99 13.16
CA ARG B 155 -1.60 3.69 12.23
C ARG B 155 -0.99 4.99 11.72
N ILE B 156 0.34 5.05 11.67
CA ILE B 156 1.03 6.31 11.30
C ILE B 156 1.07 6.33 9.78
N ILE B 157 -0.04 6.79 9.20
CA ILE B 157 -0.29 6.67 7.77
C ILE B 157 -0.59 8.03 7.16
N MET B 158 -0.07 8.24 5.96
CA MET B 158 -0.45 9.37 5.14
C MET B 158 -0.91 8.81 3.81
N CYS B 159 -2.13 9.12 3.40
CA CYS B 159 -2.75 8.48 2.25
C CYS B 159 -3.11 9.54 1.22
N ALA B 160 -2.61 9.38 -0.01
CA ALA B 160 -2.99 10.30 -1.08
C ALA B 160 -4.06 9.75 -1.99
N TRP B 161 -4.30 8.45 -1.94
CA TRP B 161 -5.36 7.82 -2.72
C TRP B 161 -6.71 8.21 -2.14
N ASN B 162 -7.40 9.10 -2.83
CA ASN B 162 -8.71 9.59 -2.41
C ASN B 162 -9.73 9.27 -3.50
N PRO B 163 -10.52 8.18 -3.35
CA PRO B 163 -11.49 7.80 -4.39
C PRO B 163 -12.46 8.91 -4.80
N VAL B 164 -12.85 9.79 -3.88
CA VAL B 164 -13.74 10.89 -4.22
C VAL B 164 -13.11 11.84 -5.23
N ASP B 165 -11.81 12.09 -5.09
CA ASP B 165 -11.13 13.15 -5.81
C ASP B 165 -10.41 12.68 -7.06
N VAL B 166 -10.15 11.39 -7.20
CA VAL B 166 -9.38 10.92 -8.35
C VAL B 166 -9.96 11.45 -9.67
N PRO B 167 -11.29 11.54 -9.84
CA PRO B 167 -11.81 12.05 -11.13
C PRO B 167 -11.41 13.48 -11.45
N LYS B 168 -11.01 14.27 -10.45
CA LYS B 168 -10.56 15.63 -10.66
C LYS B 168 -9.06 15.77 -10.83
N MET B 169 -8.29 14.69 -10.68
CA MET B 169 -6.84 14.80 -10.69
C MET B 169 -6.28 14.72 -12.10
N ALA B 170 -5.26 15.54 -12.39
CA ALA B 170 -4.57 15.47 -13.68
C ALA B 170 -3.96 14.09 -13.89
N LEU B 171 -3.59 13.42 -12.81
CA LEU B 171 -3.04 12.05 -12.82
C LEU B 171 -3.36 11.48 -11.44
N PRO B 172 -4.01 10.31 -11.34
CA PRO B 172 -4.21 9.71 -10.01
C PRO B 172 -2.86 9.42 -9.37
N PRO B 173 -2.73 9.60 -8.05
CA PRO B 173 -1.41 9.44 -7.43
C PRO B 173 -0.85 8.05 -7.67
N CYS B 174 0.41 8.00 -8.08
CA CYS B 174 1.13 6.74 -8.14
C CYS B 174 1.50 6.30 -6.73
N HIS B 175 1.63 7.26 -5.81
CA HIS B 175 2.10 7.00 -4.43
C HIS B 175 0.89 7.00 -3.52
N CYS B 176 0.34 5.83 -3.38
CA CYS B 176 -0.98 5.73 -2.78
C CYS B 176 -0.95 6.10 -1.32
N LEU B 177 0.01 5.56 -0.57
CA LEU B 177 0.07 5.86 0.84
C LEU B 177 1.44 5.50 1.34
N CYS B 178 1.80 6.07 2.47
CA CYS B 178 3.00 5.68 3.16
C CYS B 178 2.72 5.52 4.63
N GLN B 179 3.55 4.72 5.27
CA GLN B 179 3.41 4.36 6.66
C GLN B 179 4.75 4.53 7.32
N PHE B 180 4.74 5.00 8.55
CA PHE B 180 5.96 5.21 9.33
C PHE B 180 6.00 4.24 10.52
N TYR B 181 7.22 4.00 10.99
CA TYR B 181 7.52 3.02 12.03
C TYR B 181 8.74 3.51 12.79
N VAL B 182 8.70 3.35 14.11
CA VAL B 182 9.78 3.80 15.00
C VAL B 182 10.30 2.60 15.79
N ALA B 183 11.61 2.42 15.76
CA ALA B 183 12.24 1.45 16.66
C ALA B 183 13.68 1.87 16.87
N ASN B 184 14.16 1.71 18.09
CA ASN B 184 15.59 1.91 18.38
C ASN B 184 16.06 3.30 17.99
N GLY B 185 15.20 4.29 18.21
CA GLY B 185 15.53 5.66 17.88
C GLY B 185 15.52 6.01 16.42
N GLU B 186 15.01 5.12 15.57
CA GLU B 186 15.07 5.23 14.12
C GLU B 186 13.67 5.27 13.53
N LEU B 187 13.49 6.14 12.53
CA LEU B 187 12.24 6.29 11.79
C LEU B 187 12.37 5.63 10.43
N SER B 188 11.48 4.69 10.15
CA SER B 188 11.40 4.07 8.84
C SER B 188 10.09 4.48 8.17
N CYS B 189 10.07 4.30 6.86
CA CYS B 189 8.95 4.68 6.02
C CYS B 189 8.75 3.58 4.98
N GLN B 190 7.51 3.16 4.80
CA GLN B 190 7.13 2.28 3.70
C GLN B 190 6.16 3.01 2.79
N LEU B 191 6.44 2.97 1.50
CA LEU B 191 5.58 3.51 0.44
C LEU B 191 4.91 2.38 -0.32
N TYR B 192 3.57 2.50 -0.50
CA TYR B 192 2.86 1.68 -1.48
C TYR B 192 2.66 2.47 -2.77
N GLN B 193 3.35 2.06 -3.82
CA GLN B 193 3.30 2.69 -5.12
C GLN B 193 2.57 1.77 -6.09
N ARG B 194 1.36 2.17 -6.51
CA ARG B 194 0.50 1.32 -7.33
C ARG B 194 1.04 1.08 -8.71
N SER B 195 1.90 1.97 -9.18
CA SER B 195 2.30 1.99 -10.58
C SER B 195 3.69 2.59 -10.62
N ALA B 196 4.64 1.84 -11.19
CA ALA B 196 6.05 2.19 -11.08
C ALA B 196 6.72 2.07 -12.46
N ASP B 197 7.00 3.22 -13.07
CA ASP B 197 7.80 3.32 -14.29
C ASP B 197 9.25 3.15 -13.88
N MET B 198 9.76 1.93 -14.03
CA MET B 198 11.03 1.60 -13.42
C MET B 198 12.17 2.45 -13.93
N GLY B 199 12.14 2.74 -15.24
CA GLY B 199 13.23 3.48 -15.86
C GLY B 199 13.23 4.96 -15.48
N LEU B 200 12.08 5.61 -15.55
CA LEU B 200 11.99 7.06 -15.41
C LEU B 200 11.61 7.50 -14.00
N GLY B 201 10.45 7.10 -13.49
CA GLY B 201 9.98 7.64 -12.22
C GLY B 201 10.61 7.04 -10.98
N VAL B 202 10.89 5.73 -10.97
CA VAL B 202 11.24 5.06 -9.71
C VAL B 202 12.48 5.64 -9.06
N PRO B 203 13.56 5.92 -9.78
CA PRO B 203 14.71 6.47 -9.06
C PRO B 203 14.41 7.76 -8.32
N PHE B 204 13.64 8.62 -8.99
CA PHE B 204 13.22 9.89 -8.40
C PHE B 204 12.32 9.65 -7.19
N ASN B 205 11.39 8.70 -7.32
CA ASN B 205 10.45 8.38 -6.24
C ASN B 205 11.17 7.83 -5.01
N ILE B 206 12.17 6.95 -5.18
CA ILE B 206 12.97 6.50 -4.06
C ILE B 206 13.55 7.68 -3.30
N ALA B 207 14.19 8.61 -4.04
CA ALA B 207 14.84 9.77 -3.42
C ALA B 207 13.83 10.68 -2.72
N SER B 208 12.63 10.80 -3.27
CA SER B 208 11.61 11.63 -2.65
CA SER B 208 11.61 11.62 -2.64
C SER B 208 11.24 11.12 -1.25
N TYR B 209 10.95 9.82 -1.13
CA TYR B 209 10.46 9.31 0.16
C TYR B 209 11.61 9.10 1.14
N ALA B 210 12.82 8.85 0.63
CA ALA B 210 14.01 8.90 1.50
C ALA B 210 14.18 10.29 2.09
N LEU B 211 14.01 11.34 1.26
CA LEU B 211 14.16 12.71 1.74
C LEU B 211 13.06 13.06 2.73
N LEU B 212 11.82 12.65 2.44
CA LEU B 212 10.76 12.89 3.39
C LEU B 212 11.08 12.28 4.74
N THR B 213 11.62 11.06 4.72
CA THR B 213 11.96 10.39 5.96
C THR B 213 13.06 11.13 6.71
N TYR B 214 14.08 11.62 5.96
CA TYR B 214 15.11 12.46 6.57
C TYR B 214 14.49 13.70 7.22
N MET B 215 13.55 14.36 6.55
CA MET B 215 12.94 15.58 7.08
C MET B 215 12.10 15.30 8.32
N ILE B 216 11.25 14.28 8.25
CA ILE B 216 10.42 13.96 9.41
C ILE B 216 11.28 13.50 10.57
N ALA B 217 12.31 12.68 10.30
CA ALA B 217 13.19 12.27 11.39
C ALA B 217 13.81 13.48 12.08
N HIS B 218 14.29 14.44 11.28
CA HIS B 218 14.94 15.62 11.83
C HIS B 218 14.01 16.37 12.78
N VAL B 219 12.78 16.64 12.36
CA VAL B 219 11.87 17.43 13.18
C VAL B 219 11.24 16.65 14.32
N THR B 220 11.36 15.31 14.34
CA THR B 220 10.90 14.50 15.47
C THR B 220 12.05 14.01 16.34
N ASP B 221 13.28 14.46 16.09
CA ASP B 221 14.45 14.13 16.91
C ASP B 221 14.74 12.64 16.90
N LEU B 222 14.55 12.04 15.74
CA LEU B 222 14.88 10.66 15.47
C LEU B 222 15.93 10.59 14.37
N LYS B 223 16.45 9.42 14.15
CA LYS B 223 17.42 9.09 13.11
C LYS B 223 16.71 8.34 11.98
N PRO B 224 17.02 8.59 10.70
CA PRO B 224 16.42 7.77 9.64
C PRO B 224 16.82 6.31 9.76
N GLY B 225 15.87 5.41 9.46
CA GLY B 225 16.14 3.99 9.49
C GLY B 225 16.16 3.38 8.11
N ASP B 226 15.02 2.82 7.67
CA ASP B 226 14.87 2.25 6.34
C ASP B 226 13.79 2.96 5.56
N PHE B 227 13.97 2.96 4.23
CA PHE B 227 12.88 3.21 3.28
C PHE B 227 12.53 1.87 2.61
N VAL B 228 11.27 1.45 2.77
CA VAL B 228 10.74 0.22 2.18
C VAL B 228 9.82 0.64 1.05
N HIS B 229 10.14 0.20 -0.15
CA HIS B 229 9.47 0.62 -1.37
C HIS B 229 8.70 -0.56 -1.91
N THR B 230 7.38 -0.53 -1.77
CA THR B 230 6.54 -1.60 -2.28
C THR B 230 5.84 -1.16 -3.56
N LEU B 231 5.86 -2.02 -4.58
CA LEU B 231 5.33 -1.74 -5.89
C LEU B 231 4.15 -2.63 -6.20
N GLY B 232 3.17 -2.05 -6.86
CA GLY B 232 2.08 -2.79 -7.48
C GLY B 232 2.46 -3.22 -8.88
N ASP B 233 1.97 -2.51 -9.89
CA ASP B 233 2.34 -2.76 -11.28
C ASP B 233 3.70 -2.11 -11.53
N ALA B 234 4.76 -2.91 -11.51
CA ALA B 234 6.12 -2.48 -11.72
C ALA B 234 6.48 -2.82 -13.14
N HIS B 235 6.79 -1.80 -13.92
CA HIS B 235 6.91 -2.02 -15.35
C HIS B 235 8.06 -1.25 -15.95
N VAL B 236 8.54 -1.83 -17.05
CA VAL B 236 9.54 -1.21 -17.91
C VAL B 236 8.82 -0.92 -19.23
N TYR B 237 8.85 0.32 -19.67
CA TYR B 237 8.30 0.61 -21.00
C TYR B 237 9.21 -0.02 -22.04
N SER B 238 8.61 -0.60 -23.08
CA SER B 238 9.39 -1.39 -24.03
C SER B 238 10.54 -0.60 -24.64
N ASN B 239 10.32 0.69 -24.91
CA ASN B 239 11.33 1.53 -25.56
C ASN B 239 12.38 2.02 -24.58
N HIS B 240 12.33 1.58 -23.33
CA HIS B 240 13.39 1.82 -22.36
C HIS B 240 14.42 0.68 -22.30
N CYS B 241 14.18 -0.44 -22.99
CA CYS B 241 14.96 -1.66 -22.72
C CYS B 241 16.41 -1.50 -23.13
N GLU B 242 16.66 -0.93 -24.31
CA GLU B 242 18.05 -0.71 -24.73
C GLU B 242 18.78 0.16 -23.72
N ALA B 243 18.20 1.29 -23.35
CA ALA B 243 18.81 2.17 -22.36
C ALA B 243 19.06 1.43 -21.05
N LEU B 244 18.07 0.66 -20.57
CA LEU B 244 18.25 -0.04 -19.30
C LEU B 244 19.25 -1.17 -19.41
N GLU B 245 19.36 -1.81 -20.58
CA GLU B 245 20.40 -2.80 -20.79
C GLU B 245 21.79 -2.17 -20.62
N GLU B 246 21.93 -0.93 -21.07
CA GLU B 246 23.20 -0.21 -20.88
C GLU B 246 23.42 0.11 -19.41
N GLN B 247 22.37 0.52 -18.70
CA GLN B 247 22.54 0.87 -17.30
C GLN B 247 22.95 -0.35 -16.49
N LEU B 248 22.48 -1.53 -16.87
CA LEU B 248 22.72 -2.76 -16.10
C LEU B 248 24.17 -3.22 -16.15
N LYS B 249 24.92 -2.70 -17.08
CA LYS B 249 26.36 -2.97 -17.14
C LYS B 249 27.18 -2.04 -16.26
N ARG B 250 26.54 -1.04 -15.64
CA ARG B 250 27.24 -0.10 -14.78
C ARG B 250 27.22 -0.56 -13.33
N GLU B 251 28.35 -0.42 -12.66
CA GLU B 251 28.47 -0.76 -11.25
C GLU B 251 28.04 0.41 -10.37
N PRO B 252 27.18 0.20 -9.36
CA PRO B 252 26.86 1.31 -8.46
C PRO B 252 28.10 1.80 -7.75
N ARG B 253 28.10 3.08 -7.47
CA ARG B 253 29.11 3.73 -6.65
C ARG B 253 28.52 4.01 -5.28
N PRO B 254 29.34 4.16 -4.26
CA PRO B 254 28.80 4.41 -2.93
C PRO B 254 27.83 5.57 -2.96
N PHE B 255 26.70 5.39 -2.29
CA PHE B 255 25.71 6.44 -2.22
C PHE B 255 26.29 7.71 -1.60
N PRO B 256 25.74 8.87 -1.96
CA PRO B 256 26.11 10.12 -1.27
C PRO B 256 25.62 10.13 0.17
N SER B 257 26.00 11.17 0.91
CA SER B 257 25.50 11.42 2.24
C SER B 257 24.64 12.67 2.23
N LEU B 258 23.73 12.75 3.20
CA LEU B 258 22.86 13.92 3.33
C LEU B 258 22.91 14.41 4.75
N LYS B 259 23.13 15.71 4.90
CA LYS B 259 23.04 16.37 6.18
C LYS B 259 22.08 17.55 6.08
N ILE B 260 21.43 17.85 7.20
CA ILE B 260 20.61 19.04 7.31
C ILE B 260 21.40 20.06 8.11
N LYS B 261 21.58 21.26 7.54
CA LYS B 261 22.64 22.19 7.93
C LYS B 261 22.31 23.00 9.18
N ARG B 262 21.06 22.95 9.65
CA ARG B 262 20.66 23.71 10.82
C ARG B 262 19.52 22.95 11.49
N LYS B 263 19.21 23.37 12.71
CA LYS B 263 18.09 22.78 13.42
C LYS B 263 16.81 23.41 12.89
N VAL B 264 15.98 22.59 12.25
CA VAL B 264 14.69 22.97 11.70
C VAL B 264 13.59 22.47 12.63
N GLU B 265 12.72 23.38 13.07
CA GLU B 265 11.76 23.04 14.13
C GLU B 265 10.51 22.36 13.58
N ASN B 266 9.93 22.89 12.49
CA ASN B 266 8.68 22.37 11.93
C ASN B 266 8.94 21.90 10.52
N ILE B 267 8.16 20.89 10.10
CA ILE B 267 8.29 20.32 8.77
C ILE B 267 8.10 21.41 7.70
N SER B 268 7.35 22.47 8.02
CA SER B 268 7.07 23.48 7.01
C SER B 268 8.22 24.45 6.83
N ASP B 269 9.27 24.35 7.63
CA ASP B 269 10.32 25.36 7.65
C ASP B 269 11.53 25.02 6.78
N PHE B 270 11.55 23.85 6.12
CA PHE B 270 12.72 23.50 5.31
C PHE B 270 12.78 24.35 4.06
N LYS B 271 14.01 24.69 3.66
CA LYS B 271 14.30 25.28 2.37
C LYS B 271 15.37 24.44 1.69
N PHE B 272 15.43 24.52 0.36
CA PHE B 272 16.37 23.68 -0.38
C PHE B 272 17.81 23.85 0.14
N GLU B 273 18.20 25.08 0.45
CA GLU B 273 19.56 25.31 0.90
C GLU B 273 19.87 24.68 2.25
N ASP B 274 18.87 24.13 2.94
CA ASP B 274 19.14 23.49 4.22
C ASP B 274 19.81 22.13 4.04
N PHE B 275 19.78 21.57 2.82
CA PHE B 275 20.28 20.24 2.53
C PHE B 275 21.71 20.30 2.00
N GLU B 276 22.56 19.42 2.53
CA GLU B 276 23.92 19.27 2.07
C GLU B 276 24.08 17.84 1.59
N LEU B 277 24.11 17.68 0.29
CA LEU B 277 24.30 16.38 -0.36
C LEU B 277 25.76 16.26 -0.77
N ASP B 278 26.50 15.34 -0.12
CA ASP B 278 27.92 15.21 -0.31
C ASP B 278 28.27 13.93 -1.05
N GLY B 279 29.21 14.01 -1.97
CA GLY B 279 29.76 12.80 -2.54
C GLY B 279 28.91 12.13 -3.59
N TYR B 280 28.01 12.86 -4.24
CA TYR B 280 27.21 12.25 -5.30
C TYR B 280 28.04 12.22 -6.58
N LYS B 281 28.38 11.02 -7.03
CA LYS B 281 29.25 10.83 -8.20
C LYS B 281 28.62 9.83 -9.15
N PRO B 282 27.52 10.20 -9.81
CA PRO B 282 26.80 9.26 -10.66
C PRO B 282 27.45 9.06 -12.03
N HIS B 283 27.11 7.90 -12.61
CA HIS B 283 27.23 7.65 -14.04
C HIS B 283 26.32 8.62 -14.80
N PRO B 284 26.59 8.84 -16.09
CA PRO B 284 25.82 9.84 -16.84
C PRO B 284 24.36 9.48 -17.01
N LYS B 285 23.56 10.51 -17.26
CA LYS B 285 22.19 10.32 -17.64
C LYS B 285 22.07 9.43 -18.87
N ILE B 286 20.97 8.70 -18.94
CA ILE B 286 20.60 7.92 -20.12
C ILE B 286 19.22 8.37 -20.55
N LYS B 287 19.09 8.75 -21.82
CA LYS B 287 17.81 9.20 -22.34
C LYS B 287 16.78 8.07 -22.30
N MET B 288 15.63 8.36 -21.69
CA MET B 288 14.48 7.46 -21.75
C MET B 288 13.26 8.35 -21.95
N GLU B 289 12.62 8.22 -23.09
CA GLU B 289 11.48 9.08 -23.40
C GLU B 289 10.25 8.66 -22.59
N MET B 290 9.55 9.67 -22.07
CA MET B 290 8.36 9.44 -21.26
C MET B 290 7.17 9.05 -22.14
N ALA B 291 6.50 7.98 -21.75
CA ALA B 291 5.31 7.54 -22.47
C ALA B 291 4.22 8.61 -22.42
N1 UMP C . -5.17 -7.35 13.32
C2 UMP C . -4.77 -8.19 12.30
N3 UMP C . -5.73 -8.44 11.34
C4 UMP C . -7.03 -7.95 11.33
C5 UMP C . -7.35 -7.09 12.41
C6 UMP C . -6.44 -6.82 13.35
O2 UMP C . -3.66 -8.74 12.27
O4 UMP C . -7.79 -8.29 10.42
C1' UMP C . -4.25 -7.18 14.46
C2' UMP C . -3.09 -6.24 14.22
C3' UMP C . -2.84 -5.67 15.61
C4' UMP C . -4.27 -5.51 16.10
O3' UMP C . -2.14 -6.64 16.40
O4' UMP C . -5.00 -6.60 15.53
C5' UMP C . -4.87 -4.19 15.66
O5' UMP C . -4.27 -3.14 16.45
P UMP C . -3.77 -1.75 15.93
OP1 UMP C . -4.94 -1.00 15.36
OP2 UMP C . -3.15 -1.14 17.19
OP3 UMP C . -2.71 -2.02 14.81
N1 D16 D . -6.75 -8.10 17.69
C2 D16 D . -5.50 -8.58 17.70
CM2 D16 D . -4.55 -8.12 18.77
N3 D16 D . -5.05 -9.45 16.79
C4 D16 D . -5.78 -9.88 15.75
O4 D16 D . -5.32 -10.65 14.89
C4A D16 D . -7.18 -9.45 15.68
C5 D16 D . -8.06 -9.86 14.69
C6 D16 D . -9.37 -9.38 14.71
C7 D16 D . -9.79 -8.48 15.69
C8 D16 D . -8.94 -8.05 16.70
C8A D16 D . -7.62 -8.49 16.73
C9 D16 D . -10.39 -9.79 13.66
N10 D16 D . -10.04 -11.02 12.98
C11 D16 D . -10.23 -14.22 15.03
S13 D16 D . -10.42 -12.49 15.22
C14 D16 D . -10.06 -12.26 13.56
C15 D16 D . -9.78 -13.46 12.92
C16 D16 D . -9.89 -14.54 13.72
C D16 D . -10.38 -15.19 16.16
O D16 D . -10.68 -14.77 17.27
N D16 D . -10.03 -16.45 15.87
CA D16 D . -9.60 -17.47 16.80
CB D16 D . -10.71 -18.41 17.24
CG D16 D . -11.60 -18.86 16.09
CD D16 D . -12.99 -18.35 16.37
OE1 D16 D . -13.12 -17.12 16.57
OE2 D16 D . -13.93 -19.16 16.39
CT D16 D . -8.53 -18.26 16.08
O1 D16 D . -8.85 -18.94 15.07
O2 D16 D . -7.35 -18.20 16.48
CP1 D16 D . -9.63 -10.84 11.58
N1 UMP E . 4.74 7.25 -12.55
C2 UMP E . 5.77 6.87 -11.70
N3 UMP E . 6.07 7.76 -10.72
C4 UMP E . 5.49 8.98 -10.49
C5 UMP E . 4.40 9.30 -11.38
C6 UMP E . 4.06 8.44 -12.35
O2 UMP E . 6.41 5.85 -11.88
O4 UMP E . 5.93 9.71 -9.61
C1' UMP E . 4.52 6.45 -13.75
C2' UMP E . 3.81 5.12 -13.53
C3' UMP E . 3.08 4.95 -14.86
C4' UMP E . 2.63 6.38 -15.14
O3' UMP E . 4.00 4.52 -15.86
O4' UMP E . 3.68 7.21 -14.59
C5' UMP E . 1.30 6.73 -14.54
O5' UMP E . 0.31 6.07 -15.35
P UMP E . -0.89 5.28 -14.74
OP1 UMP E . -1.63 4.74 -15.96
OP2 UMP E . -0.27 4.14 -13.90
OP3 UMP E . -1.71 6.20 -13.93
N1 D16 F . 4.68 9.56 -16.61
C2 D16 F . 5.26 8.36 -16.81
CM2 D16 F . 4.78 7.42 -17.89
N3 D16 F . 6.28 7.93 -16.07
C4 D16 F . 6.80 8.59 -15.03
O4 D16 F . 7.74 8.12 -14.34
C4A D16 F . 6.27 9.92 -14.75
C5 D16 F . 6.73 10.75 -13.76
C6 D16 F . 6.17 12.01 -13.58
C7 D16 F . 5.10 12.42 -14.37
C8 D16 F . 4.60 11.61 -15.39
C8A D16 F . 5.16 10.36 -15.61
C9 D16 F . 6.64 12.97 -12.52
N10 D16 F . 7.96 12.62 -11.99
C11 D16 F . 10.83 12.98 -14.51
S13 D16 F . 9.11 13.15 -14.38
C14 D16 F . 9.11 12.70 -12.73
C15 D16 F . 10.44 12.44 -12.30
C16 D16 F . 11.38 12.60 -13.29
C D16 F . 11.54 13.27 -15.79
O D16 F . 10.91 13.74 -16.72
N D16 F . 12.85 13.00 -15.82
CA D16 F . 13.74 13.42 -16.90
CB D16 F . 15.15 13.58 -16.31
CG D16 F . 15.19 14.56 -15.14
CD D16 F . 15.03 15.99 -15.60
OE1 D16 F . 16.05 16.71 -15.67
OE2 D16 F . 13.88 16.40 -15.90
CT D16 F . 13.77 12.44 -18.04
O1 D16 F . 14.44 11.37 -17.93
O2 D16 F . 13.12 12.73 -19.06
CP1 D16 F . 7.95 12.16 -10.60
#